data_6CHA
#
_entry.id   6CHA
#
_cell.length_a   49.270
_cell.length_b   67.160
_cell.length_c   65.910
_cell.angle_alpha   90.00
_cell.angle_beta   101.68
_cell.angle_gamma   90.00
#
_symmetry.space_group_name_H-M   'P 1 21 1'
#
loop_
_entity.id
_entity.type
_entity.pdbx_description
1 polymer 'ALPHA-CHYMOTRYPSIN A'
2 polymer 'ALPHA-CHYMOTRYPSIN A'
3 polymer 'ALPHA-CHYMOTRYPSIN A'
4 non-polymer 'PHENYLETHANE BORONIC ACID'
5 water water
#
loop_
_entity_poly.entity_id
_entity_poly.type
_entity_poly.pdbx_seq_one_letter_code
_entity_poly.pdbx_strand_id
1 'polypeptide(L)' CGVPAIQPVLSGL A,E
2 'polypeptide(L)'
;IVNGEEAVPGSWPWQVSLQDKTGFHFCGGSLINENWVVTAAHCGVTTSDVVVAGEFDQGSSSEKIQKLKIAKVFKNSKYN
SLTINNDITLLKLSTAASFSQTVSAVCLPSASDDFAAGTTCVTTGWGLTRY
;
B,F
3 'polypeptide(L)'
;ANTPDRLQQASLPLLSNTNCKKYWGTKIKDAMICAGASGVSSCMGDSGGPLVCKKNGAWTLVGIVSWGSSTCSTSTPGVY
ARVTALVNWVQQTLAAN
;
C,G
#
loop_
_chem_comp.id
_chem_comp.type
_chem_comp.name
_chem_comp.formula
PBA non-polymer 'PHENYLETHANE BORONIC ACID' 'C8 H11 B O2'
#
# COMPACT_ATOMS: atom_id res chain seq x y z
N CYS A 1 7.50 -13.98 -28.47
CA CYS A 1 7.40 -13.42 -27.11
C CYS A 1 6.19 -13.99 -26.37
N GLY A 2 6.31 -13.84 -25.07
CA GLY A 2 5.31 -14.25 -24.09
C GLY A 2 5.21 -15.77 -24.03
N VAL A 3 6.39 -16.46 -24.08
CA VAL A 3 6.46 -17.93 -24.10
C VAL A 3 7.50 -18.30 -23.05
N PRO A 4 7.01 -18.45 -21.80
CA PRO A 4 8.00 -18.76 -20.75
C PRO A 4 8.67 -20.07 -21.12
N ALA A 5 9.95 -20.25 -20.81
CA ALA A 5 10.64 -21.51 -20.93
C ALA A 5 10.13 -22.45 -19.89
N ILE A 6 9.74 -21.85 -18.69
CA ILE A 6 9.16 -22.57 -17.56
C ILE A 6 7.68 -22.22 -17.62
N GLN A 7 6.85 -23.13 -18.07
CA GLN A 7 5.43 -22.89 -18.28
C GLN A 7 4.57 -22.72 -17.03
N PRO A 8 3.95 -21.57 -16.91
CA PRO A 8 3.02 -21.31 -15.78
C PRO A 8 1.95 -22.35 -15.60
N VAL A 9 1.87 -22.65 -14.41
N ILE B 1 -2.17 -9.62 -4.23
CA ILE B 1 -3.36 -10.29 -4.76
C ILE B 1 -3.97 -11.03 -3.55
N VAL B 2 -5.30 -10.89 -3.52
CA VAL B 2 -5.98 -11.51 -2.35
C VAL B 2 -6.68 -12.75 -2.86
N ASN B 3 -6.42 -13.90 -2.25
CA ASN B 3 -7.09 -15.12 -2.76
C ASN B 3 -6.45 -15.75 -4.05
N GLY B 4 -5.17 -15.47 -4.18
CA GLY B 4 -4.31 -15.98 -5.18
C GLY B 4 -3.49 -17.16 -4.72
N GLU B 5 -2.49 -17.56 -5.41
CA GLU B 5 -1.67 -18.75 -5.07
C GLU B 5 -0.25 -18.47 -5.54
N GLU B 6 0.62 -19.25 -4.88
CA GLU B 6 2.06 -19.05 -5.23
C GLU B 6 2.34 -19.37 -6.73
N ALA B 7 3.29 -18.72 -7.38
CA ALA B 7 3.49 -19.15 -8.86
C ALA B 7 4.66 -20.10 -8.87
N VAL B 8 4.92 -20.76 -10.00
CA VAL B 8 6.10 -21.62 -10.10
C VAL B 8 7.20 -20.62 -10.48
N PRO B 9 8.27 -20.60 -9.74
CA PRO B 9 9.34 -19.62 -9.97
C PRO B 9 9.83 -19.70 -11.40
N GLY B 10 10.12 -18.49 -11.97
CA GLY B 10 10.51 -18.60 -13.44
C GLY B 10 9.38 -18.53 -14.39
N SER B 11 8.20 -19.00 -14.09
CA SER B 11 7.01 -19.01 -14.96
C SER B 11 6.40 -17.73 -15.48
N TRP B 12 6.73 -16.58 -14.99
CA TRP B 12 6.23 -15.21 -15.38
C TRP B 12 7.52 -14.39 -15.41
N PRO B 13 8.40 -14.80 -16.37
CA PRO B 13 9.75 -14.24 -16.44
C PRO B 13 9.81 -12.80 -16.78
N TRP B 14 8.84 -12.09 -17.23
CA TRP B 14 8.81 -10.64 -17.49
C TRP B 14 8.48 -9.91 -16.21
N GLN B 15 7.96 -10.58 -15.14
CA GLN B 15 7.66 -9.91 -13.92
C GLN B 15 8.84 -9.29 -13.15
N VAL B 16 8.90 -8.01 -12.86
CA VAL B 16 9.91 -7.30 -12.14
C VAL B 16 9.25 -6.66 -10.86
N SER B 17 10.13 -6.40 -9.93
CA SER B 17 9.91 -5.70 -8.72
C SER B 17 10.81 -4.44 -8.65
N LEU B 18 10.19 -3.28 -8.44
CA LEU B 18 10.97 -2.06 -8.36
C LEU B 18 11.27 -1.78 -6.88
N GLN B 19 12.54 -1.54 -6.62
CA GLN B 19 12.85 -1.23 -5.13
C GLN B 19 13.32 0.18 -5.07
N ASP B 20 13.12 0.93 -4.04
CA ASP B 20 13.57 2.32 -3.83
C ASP B 20 15.01 2.25 -3.31
N LYS B 21 15.62 3.39 -3.13
CA LYS B 21 17.02 3.46 -2.65
C LYS B 21 17.17 2.84 -1.26
N THR B 22 16.10 2.88 -0.43
CA THR B 22 16.33 2.23 0.87
C THR B 22 16.67 0.75 0.55
N GLY B 23 15.77 0.13 -0.20
CA GLY B 23 16.00 -1.29 -0.53
C GLY B 23 14.75 -2.12 -0.70
N PHE B 24 13.55 -1.60 -0.90
CA PHE B 24 12.53 -2.68 -1.07
C PHE B 24 11.34 -2.22 -1.88
N HIS B 25 10.55 -3.22 -2.18
CA HIS B 25 9.42 -3.36 -3.09
C HIS B 25 8.34 -2.33 -2.97
N PHE B 26 8.20 -1.52 -4.05
CA PHE B 26 7.16 -0.48 -3.94
C PHE B 26 6.16 -0.61 -5.00
N CYS B 27 6.67 -1.38 -6.00
CA CYS B 27 5.82 -1.53 -7.23
C CYS B 27 6.28 -2.69 -8.06
N GLY B 28 5.40 -3.02 -9.08
CA GLY B 28 5.70 -4.19 -9.93
C GLY B 28 6.02 -3.54 -11.37
N GLY B 29 6.40 -4.46 -12.29
CA GLY B 29 6.78 -3.90 -13.62
C GLY B 29 6.84 -5.16 -14.58
N SER B 30 6.96 -4.81 -15.80
CA SER B 30 7.03 -5.89 -16.89
C SER B 30 8.07 -5.61 -17.99
N LEU B 31 8.96 -6.64 -18.05
CA LEU B 31 9.99 -6.43 -19.12
C LEU B 31 9.36 -6.68 -20.53
N ILE B 32 9.69 -5.73 -21.38
CA ILE B 32 9.19 -5.90 -22.82
C ILE B 32 10.32 -6.15 -23.86
N ASN B 33 11.57 -6.01 -23.59
CA ASN B 33 12.88 -6.07 -24.12
C ASN B 33 13.90 -6.17 -22.95
N GLU B 34 15.11 -6.47 -23.45
CA GLU B 34 16.22 -6.54 -22.47
C GLU B 34 16.63 -5.13 -22.06
N ASN B 35 15.97 -4.12 -22.53
CA ASN B 35 16.38 -2.75 -22.19
C ASN B 35 15.21 -1.90 -21.68
N TRP B 36 13.98 -2.31 -21.72
CA TRP B 36 12.85 -1.49 -21.31
C TRP B 36 11.90 -2.28 -20.41
N VAL B 37 11.27 -1.56 -19.44
CA VAL B 37 10.28 -2.24 -18.58
C VAL B 37 9.07 -1.32 -18.60
N VAL B 38 7.89 -1.82 -18.56
CA VAL B 38 6.69 -0.94 -18.43
C VAL B 38 6.12 -1.01 -16.92
N THR B 39 5.74 0.15 -16.47
CA THR B 39 5.17 0.22 -15.14
C THR B 39 4.08 1.26 -15.11
N ALA B 40 3.53 1.40 -13.81
CA ALA B 40 2.45 2.46 -13.80
C ALA B 40 3.08 3.81 -13.57
N ALA B 41 2.40 4.85 -14.00
CA ALA B 41 3.02 6.17 -13.72
C ALA B 41 2.93 6.57 -12.15
N HIS B 42 1.83 6.13 -11.56
CA HIS B 42 1.52 6.54 -10.20
C HIS B 42 2.53 6.08 -9.17
N CYS B 43 3.40 5.17 -9.58
CA CYS B 43 4.45 4.52 -8.80
C CYS B 43 5.49 5.59 -8.59
N GLY B 44 5.47 6.72 -9.22
CA GLY B 44 6.51 7.73 -9.15
C GLY B 44 7.92 7.24 -9.28
N VAL B 45 8.23 6.24 -10.11
CA VAL B 45 9.65 5.81 -10.28
C VAL B 45 10.60 6.92 -10.72
N THR B 46 11.80 6.81 -10.05
CA THR B 46 12.88 7.76 -10.37
C THR B 46 14.21 7.07 -10.67
N THR B 47 15.14 7.83 -11.27
CA THR B 47 16.49 7.31 -11.59
C THR B 47 17.09 6.69 -10.33
N SER B 48 16.41 6.89 -9.21
CA SER B 48 17.00 6.24 -7.99
C SER B 48 16.37 4.86 -7.74
N ASP B 49 15.24 4.53 -8.37
CA ASP B 49 14.82 3.15 -7.99
C ASP B 49 15.73 2.16 -8.68
N VAL B 50 15.52 0.92 -8.39
CA VAL B 50 16.27 -0.21 -8.96
C VAL B 50 15.23 -1.20 -9.47
N VAL B 51 15.52 -1.90 -10.52
CA VAL B 51 14.58 -2.87 -11.07
C VAL B 51 15.22 -4.20 -10.69
N VAL B 52 14.44 -5.09 -10.11
CA VAL B 52 15.00 -6.43 -9.83
C VAL B 52 14.33 -7.45 -10.77
N ALA B 53 15.04 -8.29 -11.48
CA ALA B 53 14.55 -9.30 -12.35
C ALA B 53 15.08 -10.67 -12.01
N GLY B 54 14.38 -11.70 -12.24
CA GLY B 54 14.71 -13.09 -11.98
C GLY B 54 14.40 -13.52 -10.59
N GLU B 55 13.81 -12.59 -9.82
CA GLU B 55 13.42 -12.82 -8.42
C GLU B 55 12.10 -13.53 -8.24
N PHE B 56 12.04 -14.49 -7.36
CA PHE B 56 10.86 -15.25 -6.94
C PHE B 56 10.59 -15.07 -5.41
N ASP B 57 11.55 -15.30 -4.53
CA ASP B 57 11.53 -15.23 -3.03
C ASP B 57 12.18 -13.97 -2.43
N GLN B 58 11.43 -13.14 -1.71
CA GLN B 58 12.01 -11.90 -1.16
C GLN B 58 12.72 -12.03 0.18
N GLY B 59 12.89 -13.23 0.70
CA GLY B 59 13.53 -13.41 2.00
C GLY B 59 14.87 -14.13 1.99
N SER B 60 15.34 -14.48 0.81
CA SER B 60 16.62 -15.19 0.64
C SER B 60 17.80 -14.37 1.18
N SER B 61 18.62 -15.05 1.96
CA SER B 61 19.82 -14.46 2.57
C SER B 61 20.70 -13.91 1.43
N SER B 62 20.46 -14.51 0.28
CA SER B 62 21.12 -14.21 -0.98
C SER B 62 20.59 -15.18 -2.04
N GLU B 63 20.15 -14.59 -3.14
CA GLU B 63 19.60 -15.37 -4.25
C GLU B 63 20.27 -14.93 -5.56
N LYS B 64 20.10 -15.75 -6.57
CA LYS B 64 20.66 -15.51 -7.90
C LYS B 64 19.67 -14.72 -8.75
N ILE B 65 19.92 -13.42 -8.81
CA ILE B 65 19.08 -12.49 -9.58
C ILE B 65 19.92 -11.43 -10.28
N GLN B 66 19.23 -10.41 -10.73
CA GLN B 66 19.75 -9.24 -11.44
C GLN B 66 19.13 -7.90 -11.10
N LYS B 67 19.87 -7.05 -10.40
CA LYS B 67 19.46 -5.68 -10.03
C LYS B 67 19.82 -4.68 -11.09
N LEU B 68 18.84 -4.13 -11.81
CA LEU B 68 19.19 -3.18 -12.87
C LEU B 68 19.00 -1.71 -12.62
N LYS B 69 19.96 -0.87 -12.97
CA LYS B 69 19.84 0.58 -12.77
C LYS B 69 18.97 1.18 -13.90
N ILE B 70 18.29 2.25 -13.71
CA ILE B 70 17.40 2.92 -14.65
C ILE B 70 18.21 4.10 -15.23
N ALA B 71 18.20 4.21 -16.59
CA ALA B 71 18.96 5.31 -17.20
C ALA B 71 18.07 6.53 -17.32
N LYS B 72 16.82 6.25 -17.71
CA LYS B 72 15.86 7.38 -17.85
C LYS B 72 14.46 6.78 -17.66
N VAL B 73 13.55 7.64 -17.21
CA VAL B 73 12.15 7.20 -16.87
C VAL B 73 11.39 7.93 -17.90
N PHE B 74 10.29 7.48 -18.42
CA PHE B 74 9.52 8.12 -19.56
C PHE B 74 8.07 8.13 -19.10
N LYS B 75 7.58 9.24 -18.48
CA LYS B 75 6.15 9.10 -18.06
C LYS B 75 5.20 9.46 -19.16
N ASN B 76 4.05 8.78 -19.33
CA ASN B 76 3.14 9.28 -20.38
C ASN B 76 2.77 10.73 -20.19
N SER B 77 3.11 11.70 -20.97
CA SER B 77 2.73 13.07 -20.60
C SER B 77 1.24 13.21 -20.49
N LYS B 78 0.40 12.33 -20.90
CA LYS B 78 -1.06 12.46 -20.79
C LYS B 78 -1.59 11.97 -19.39
N TYR B 79 -0.74 11.52 -18.52
CA TYR B 79 -0.91 11.00 -17.23
C TYR B 79 -1.58 12.17 -16.36
N ASN B 80 -2.67 11.69 -15.79
CA ASN B 80 -3.52 12.59 -15.02
C ASN B 80 -3.35 12.11 -13.58
N SER B 81 -2.61 12.90 -12.75
CA SER B 81 -2.35 12.51 -11.41
C SER B 81 -3.57 12.64 -10.44
N LEU B 82 -4.69 13.23 -10.81
CA LEU B 82 -5.91 13.37 -9.92
C LEU B 82 -6.91 12.33 -10.35
N THR B 83 -6.84 12.02 -11.74
CA THR B 83 -7.68 11.03 -12.38
C THR B 83 -7.13 9.60 -12.56
N ILE B 84 -5.79 9.52 -12.45
CA ILE B 84 -5.09 8.25 -12.66
C ILE B 84 -5.29 7.70 -14.10
N ASN B 85 -5.83 8.42 -15.04
CA ASN B 85 -6.00 7.99 -16.49
C ASN B 85 -4.64 7.95 -17.18
N ASN B 86 -4.36 7.04 -18.08
CA ASN B 86 -2.99 6.98 -18.76
C ASN B 86 -1.85 6.70 -17.71
N ASP B 87 -2.18 5.66 -16.94
CA ASP B 87 -1.26 5.24 -15.88
C ASP B 87 -0.17 4.34 -16.40
N ILE B 88 0.80 4.89 -17.01
CA ILE B 88 1.89 4.04 -17.55
C ILE B 88 3.18 4.84 -17.65
N THR B 89 4.28 4.21 -17.43
CA THR B 89 5.64 4.71 -17.48
C THR B 89 6.55 3.67 -18.09
N LEU B 90 7.48 4.17 -18.94
CA LEU B 90 8.51 3.34 -19.55
C LEU B 90 9.83 3.53 -18.90
N LEU B 91 10.50 2.44 -18.66
CA LEU B 91 11.81 2.56 -17.94
C LEU B 91 12.83 1.92 -18.99
N LYS B 92 13.78 2.77 -19.31
CA LYS B 92 14.92 2.56 -20.15
C LYS B 92 16.05 2.18 -19.27
N LEU B 93 16.52 0.96 -19.36
CA LEU B 93 17.57 0.44 -18.50
C LEU B 93 18.95 0.99 -18.78
N SER B 94 19.76 1.05 -17.67
CA SER B 94 21.14 1.55 -18.09
C SER B 94 22.07 0.40 -18.56
N THR B 95 21.71 -0.75 -18.05
CA THR B 95 22.41 -2.06 -18.26
C THR B 95 21.28 -2.97 -18.63
N ALA B 96 21.22 -3.45 -19.83
CA ALA B 96 20.19 -4.34 -20.34
C ALA B 96 20.28 -5.61 -19.47
N ALA B 97 19.12 -6.18 -19.41
CA ALA B 97 18.79 -7.43 -18.72
C ALA B 97 19.36 -8.60 -19.48
N SER B 98 19.62 -9.64 -18.63
CA SER B 98 20.19 -10.85 -19.34
C SER B 98 19.15 -11.96 -19.36
N PHE B 99 18.46 -12.08 -20.48
CA PHE B 99 17.38 -13.00 -20.76
C PHE B 99 17.88 -14.41 -20.54
N SER B 100 16.94 -15.27 -20.17
CA SER B 100 17.40 -16.67 -19.94
C SER B 100 16.22 -17.57 -19.69
N GLN B 101 16.28 -18.70 -19.06
CA GLN B 101 15.04 -19.47 -18.92
C GLN B 101 14.09 -18.75 -17.96
N THR B 102 14.59 -17.87 -17.07
CA THR B 102 13.73 -17.19 -16.06
C THR B 102 13.47 -15.74 -16.24
N VAL B 103 14.12 -15.02 -17.11
CA VAL B 103 13.96 -13.63 -17.52
C VAL B 103 13.82 -13.61 -19.11
N SER B 104 12.73 -13.01 -19.55
CA SER B 104 12.34 -12.91 -20.92
C SER B 104 11.15 -11.95 -20.87
N ALA B 105 10.67 -11.58 -22.05
CA ALA B 105 9.62 -10.66 -22.25
C ALA B 105 8.21 -11.10 -22.57
N VAL B 106 7.32 -10.17 -22.21
CA VAL B 106 5.86 -10.42 -22.52
C VAL B 106 5.61 -9.83 -23.86
N CYS B 107 4.61 -10.10 -24.63
CA CYS B 107 4.15 -9.54 -25.88
C CYS B 107 3.19 -8.38 -25.56
N LEU B 108 3.31 -7.40 -26.41
CA LEU B 108 2.56 -6.16 -26.44
C LEU B 108 1.44 -6.32 -27.41
N PRO B 109 0.23 -5.85 -27.19
CA PRO B 109 -0.89 -5.99 -28.10
C PRO B 109 -0.87 -4.74 -29.04
N SER B 110 -1.80 -4.71 -29.99
CA SER B 110 -1.92 -3.58 -30.88
C SER B 110 -3.09 -2.72 -30.31
N ALA B 111 -2.99 -1.45 -30.68
CA ALA B 111 -4.06 -0.52 -30.29
C ALA B 111 -5.35 -1.08 -30.82
N SER B 112 -5.41 -1.77 -31.97
CA SER B 112 -6.70 -2.29 -32.44
C SER B 112 -7.03 -3.67 -31.89
N ASP B 113 -6.28 -4.23 -30.94
CA ASP B 113 -6.63 -5.55 -30.44
C ASP B 113 -7.92 -5.45 -29.58
N ASP B 114 -8.58 -6.59 -29.53
CA ASP B 114 -9.86 -6.73 -28.84
C ASP B 114 -9.68 -7.91 -27.88
N PHE B 115 -10.05 -7.65 -26.63
CA PHE B 115 -9.99 -8.67 -25.55
C PHE B 115 -11.42 -8.54 -25.04
N ALA B 116 -12.26 -9.49 -25.25
CA ALA B 116 -13.63 -9.50 -24.87
C ALA B 116 -13.76 -9.79 -23.32
N ALA B 117 -14.87 -9.15 -22.93
CA ALA B 117 -15.35 -9.26 -21.59
C ALA B 117 -15.54 -10.74 -21.40
N GLY B 118 -14.95 -11.19 -20.20
CA GLY B 118 -15.19 -12.61 -19.92
C GLY B 118 -13.96 -13.45 -20.14
N THR B 119 -12.98 -12.87 -20.79
CA THR B 119 -11.74 -13.65 -21.02
C THR B 119 -11.14 -13.80 -19.57
N THR B 120 -10.60 -14.94 -19.28
CA THR B 120 -9.87 -15.32 -18.12
C THR B 120 -8.44 -14.83 -18.34
N CYS B 121 -8.03 -13.84 -17.53
CA CYS B 121 -6.69 -13.28 -17.59
C CYS B 121 -5.92 -13.67 -16.34
N VAL B 122 -4.67 -13.23 -16.24
CA VAL B 122 -3.84 -13.61 -15.08
C VAL B 122 -3.19 -12.29 -14.67
N THR B 123 -2.98 -12.10 -13.41
CA THR B 123 -2.30 -11.00 -12.76
C THR B 123 -1.36 -11.61 -11.70
N THR B 124 -0.22 -10.93 -11.59
CA THR B 124 0.82 -11.45 -10.69
C THR B 124 1.46 -10.26 -9.95
N GLY B 125 1.95 -10.51 -8.71
CA GLY B 125 2.69 -9.52 -8.04
C GLY B 125 2.90 -9.98 -6.50
N TRP B 126 3.68 -9.08 -5.96
CA TRP B 126 4.11 -9.26 -4.57
C TRP B 126 3.25 -8.46 -3.58
N GLY B 127 2.09 -7.99 -4.00
CA GLY B 127 1.21 -7.22 -3.11
C GLY B 127 0.70 -8.13 -2.06
N LEU B 128 0.09 -7.43 -0.93
CA LEU B 128 -0.55 -8.09 0.10
C LEU B 128 -1.45 -9.25 -0.27
N THR B 129 -1.52 -10.28 0.44
CA THR B 129 -2.43 -11.44 0.31
C THR B 129 -3.72 -11.25 1.12
N ARG B 130 -3.76 -10.18 1.96
CA ARG B 130 -4.96 -9.80 2.73
C ARG B 130 -4.81 -8.30 3.04
N TYR B 131 -5.84 -7.52 2.97
CA TYR B 131 -5.71 -6.07 3.29
C TYR B 131 -5.16 -5.92 4.76
N ALA C 1 2.66 -9.95 9.35
CA ALA C 1 2.32 -9.02 8.27
C ALA C 1 1.62 -9.80 7.20
N ASN C 2 0.97 -9.10 6.26
CA ASN C 2 0.25 -9.70 5.19
C ASN C 2 1.00 -9.59 3.83
N THR C 3 2.36 -9.48 3.92
CA THR C 3 3.04 -9.46 2.58
C THR C 3 3.66 -10.83 2.27
N PRO C 4 3.58 -11.18 0.97
CA PRO C 4 4.00 -12.49 0.50
C PRO C 4 5.50 -12.38 0.20
N ASP C 5 6.29 -13.34 0.57
CA ASP C 5 7.75 -13.25 0.23
C ASP C 5 7.80 -13.84 -1.21
N ARG C 6 6.88 -14.72 -1.54
CA ARG C 6 6.67 -15.47 -2.73
C ARG C 6 5.65 -14.96 -3.75
N LEU C 7 6.14 -14.84 -5.01
CA LEU C 7 5.34 -14.35 -6.10
C LEU C 7 4.08 -15.23 -6.13
N GLN C 8 2.99 -14.53 -6.23
CA GLN C 8 1.63 -15.07 -6.24
C GLN C 8 0.99 -14.84 -7.62
N GLN C 9 -0.07 -15.51 -7.89
CA GLN C 9 -0.73 -15.37 -9.25
C GLN C 9 -2.21 -15.55 -8.93
N ALA C 10 -3.00 -15.18 -9.95
CA ALA C 10 -4.40 -15.30 -9.95
C ALA C 10 -4.97 -14.99 -11.33
N SER C 11 -5.96 -15.83 -11.64
CA SER C 11 -6.81 -15.77 -12.83
C SER C 11 -8.04 -14.93 -12.52
N LEU C 12 -8.52 -14.13 -13.39
CA LEU C 12 -9.67 -13.29 -13.32
C LEU C 12 -10.23 -12.87 -14.65
N PRO C 13 -11.52 -12.65 -14.70
CA PRO C 13 -12.21 -12.31 -15.97
C PRO C 13 -12.13 -10.82 -16.21
N LEU C 14 -12.10 -10.44 -17.45
CA LEU C 14 -12.09 -9.05 -17.85
C LEU C 14 -13.57 -8.68 -17.83
N LEU C 15 -13.80 -7.39 -17.59
CA LEU C 15 -15.11 -6.85 -17.60
C LEU C 15 -15.27 -5.85 -18.74
N SER C 16 -16.44 -5.52 -19.13
CA SER C 16 -16.78 -4.52 -20.14
C SER C 16 -16.81 -3.17 -19.42
N ASN C 17 -16.23 -2.15 -20.01
CA ASN C 17 -16.26 -0.84 -19.31
C ASN C 17 -17.66 -0.52 -18.76
N THR C 18 -18.65 -1.08 -19.39
CA THR C 18 -20.08 -1.01 -19.20
C THR C 18 -20.34 -1.54 -17.77
N ASN C 19 -19.88 -2.77 -17.59
CA ASN C 19 -20.16 -3.40 -16.28
C ASN C 19 -19.40 -2.83 -15.09
N CYS C 20 -18.20 -2.38 -15.42
CA CYS C 20 -17.32 -1.82 -14.44
C CYS C 20 -17.88 -0.51 -13.84
N LYS C 21 -18.61 0.11 -14.80
CA LYS C 21 -19.24 1.41 -14.44
C LYS C 21 -20.37 1.26 -13.40
N LYS C 22 -21.02 0.12 -13.35
CA LYS C 22 -22.11 -0.23 -12.45
C LYS C 22 -21.48 -0.03 -11.07
N TYR C 23 -20.20 -0.34 -10.85
CA TYR C 23 -19.43 -0.17 -9.64
C TYR C 23 -18.70 1.13 -9.43
N TRP C 24 -17.93 1.75 -10.28
CA TRP C 24 -17.17 2.97 -10.21
C TRP C 24 -17.74 4.17 -10.94
N GLY C 25 -18.86 4.04 -11.63
CA GLY C 25 -19.49 5.18 -12.35
C GLY C 25 -18.40 5.84 -13.20
N THR C 26 -18.50 7.15 -13.31
CA THR C 26 -17.64 8.05 -14.02
C THR C 26 -16.17 8.04 -13.72
N LYS C 27 -15.59 7.34 -12.83
CA LYS C 27 -14.16 7.33 -12.55
C LYS C 27 -13.48 6.44 -13.62
N ILE C 28 -14.31 5.68 -14.26
CA ILE C 28 -13.78 4.76 -15.29
C ILE C 28 -13.65 5.47 -16.63
N LYS C 29 -12.39 5.56 -16.98
CA LYS C 29 -12.07 6.21 -18.31
C LYS C 29 -11.62 5.22 -19.36
N ASP C 30 -11.58 5.81 -20.56
CA ASP C 30 -11.16 5.15 -21.84
C ASP C 30 -9.87 4.36 -21.74
N ALA C 31 -8.85 4.95 -21.14
CA ALA C 31 -7.58 4.24 -20.96
C ALA C 31 -7.59 3.34 -19.70
N MET C 32 -8.77 2.90 -19.32
CA MET C 32 -8.79 1.94 -18.22
C MET C 32 -9.54 0.68 -18.57
N ILE C 33 -9.20 -0.44 -18.10
CA ILE C 33 -9.78 -1.79 -18.15
C ILE C 33 -9.92 -2.47 -16.81
N CYS C 34 -11.17 -2.98 -16.59
CA CYS C 34 -11.48 -3.68 -15.30
C CYS C 34 -11.39 -5.17 -15.38
N ALA C 35 -10.90 -5.82 -14.36
CA ALA C 35 -10.85 -7.27 -14.21
C ALA C 35 -11.16 -7.65 -12.72
N GLY C 36 -11.64 -8.86 -12.43
CA GLY C 36 -11.88 -9.25 -11.09
C GLY C 36 -13.36 -9.33 -10.68
N ALA C 37 -13.54 -9.08 -9.31
CA ALA C 37 -14.86 -9.06 -8.69
C ALA C 37 -15.41 -10.44 -8.46
N SER C 38 -14.52 -11.37 -8.74
CA SER C 38 -14.74 -12.82 -8.82
C SER C 38 -14.30 -13.64 -7.61
N GLY C 39 -13.73 -12.99 -6.64
CA GLY C 39 -13.20 -13.65 -5.41
C GLY C 39 -11.69 -13.45 -5.31
N VAL C 40 -11.06 -12.57 -6.00
CA VAL C 40 -9.59 -12.31 -5.90
C VAL C 40 -9.48 -10.85 -6.18
N SER C 41 -8.36 -10.25 -5.91
CA SER C 41 -8.20 -8.81 -6.19
C SER C 41 -6.72 -8.52 -6.11
N SER C 42 -6.30 -7.46 -6.83
CA SER C 42 -4.90 -7.09 -6.74
C SER C 42 -5.03 -6.31 -5.40
N CYS C 43 -3.92 -5.98 -4.85
CA CYS C 43 -3.83 -5.22 -3.54
C CYS C 43 -2.52 -4.51 -3.44
N MET C 44 -2.40 -3.66 -2.43
CA MET C 44 -1.23 -2.84 -2.07
C MET C 44 0.04 -3.62 -2.40
N GLY C 45 0.88 -2.97 -3.28
CA GLY C 45 2.19 -3.58 -3.66
C GLY C 45 2.15 -4.25 -5.03
N ASP C 46 0.98 -4.45 -5.58
CA ASP C 46 0.82 -5.12 -6.89
C ASP C 46 0.83 -4.09 -8.01
N SER C 47 0.76 -2.82 -7.69
CA SER C 47 0.77 -1.68 -8.58
C SER C 47 1.89 -1.68 -9.66
N GLY C 48 1.42 -1.31 -10.82
CA GLY C 48 2.48 -1.34 -11.95
C GLY C 48 2.74 -2.70 -12.52
N GLY C 49 2.22 -3.77 -11.97
CA GLY C 49 2.43 -5.17 -12.36
C GLY C 49 1.48 -5.50 -13.49
N PRO C 50 1.64 -6.69 -14.13
CA PRO C 50 0.93 -7.06 -15.30
C PRO C 50 -0.45 -7.68 -15.06
N LEU C 51 -1.22 -7.53 -16.15
CA LEU C 51 -2.51 -8.24 -16.29
C LEU C 51 -2.19 -8.90 -17.65
N VAL C 52 -2.14 -10.19 -17.72
CA VAL C 52 -1.85 -10.79 -19.15
C VAL C 52 -2.89 -11.81 -19.48
N CYS C 53 -3.14 -11.86 -20.76
CA CYS C 53 -4.13 -12.78 -21.43
C CYS C 53 -3.30 -13.33 -22.61
N LYS C 54 -3.62 -14.56 -22.92
CA LYS C 54 -3.07 -15.44 -23.98
C LYS C 54 -3.82 -15.16 -25.25
N LYS C 55 -3.04 -14.97 -26.33
CA LYS C 55 -3.53 -14.75 -27.70
C LYS C 55 -2.53 -15.49 -28.59
N ASN C 56 -2.91 -16.46 -29.42
CA ASN C 56 -1.99 -17.12 -30.34
C ASN C 56 -0.86 -17.81 -29.61
N GLY C 57 -1.26 -18.46 -28.56
CA GLY C 57 -0.39 -19.22 -27.64
C GLY C 57 0.66 -18.39 -26.98
N ALA C 58 0.42 -17.08 -26.87
CA ALA C 58 1.43 -16.24 -26.21
C ALA C 58 0.82 -15.25 -25.15
N TRP C 59 1.59 -15.03 -24.16
CA TRP C 59 1.11 -14.10 -23.02
C TRP C 59 1.35 -12.71 -23.47
N THR C 60 0.31 -11.91 -23.57
CA THR C 60 0.29 -10.52 -23.98
C THR C 60 -0.27 -9.59 -22.88
N LEU C 61 0.37 -8.48 -22.76
CA LEU C 61 0.07 -7.47 -21.70
C LEU C 61 -1.17 -6.66 -22.01
N VAL C 62 -2.26 -6.87 -21.24
CA VAL C 62 -3.48 -6.11 -21.60
C VAL C 62 -3.71 -4.98 -20.63
N GLY C 63 -3.16 -5.24 -19.45
CA GLY C 63 -3.34 -4.27 -18.29
C GLY C 63 -2.10 -4.10 -17.51
N ILE C 64 -2.07 -3.01 -16.70
CA ILE C 64 -1.07 -2.65 -15.67
C ILE C 64 -1.88 -2.30 -14.38
N VAL C 65 -1.55 -2.99 -13.29
CA VAL C 65 -2.25 -2.68 -12.00
C VAL C 65 -2.28 -1.23 -11.74
N SER C 66 -3.52 -0.61 -11.67
CA SER C 66 -3.56 0.85 -11.49
C SER C 66 -4.18 1.26 -10.12
N TRP C 67 -5.49 1.04 -9.99
CA TRP C 67 -6.12 1.38 -8.59
C TRP C 67 -7.33 0.46 -8.44
N GLY C 68 -7.94 0.56 -7.28
CA GLY C 68 -9.13 -0.25 -6.95
C GLY C 68 -9.49 0.10 -5.43
N SER C 69 -10.39 -0.77 -5.05
CA SER C 69 -11.10 -0.88 -3.76
C SER C 69 -10.16 -0.47 -2.71
N SER C 70 -10.62 0.45 -1.77
CA SER C 70 -9.67 0.83 -0.73
C SER C 70 -9.21 -0.29 0.24
N THR C 71 -9.93 -1.37 0.20
CA THR C 71 -9.88 -2.57 0.98
C THR C 71 -9.63 -3.87 0.26
N CYS C 72 -9.38 -3.69 -1.00
CA CYS C 72 -9.03 -4.90 -1.89
C CYS C 72 -10.11 -5.90 -1.92
N SER C 73 -11.35 -5.44 -1.84
CA SER C 73 -12.53 -6.33 -1.74
C SER C 73 -12.47 -7.32 -2.88
N THR C 74 -12.82 -8.54 -2.75
CA THR C 74 -12.85 -9.60 -3.75
C THR C 74 -14.10 -9.64 -4.63
N SER C 75 -15.08 -8.77 -4.41
CA SER C 75 -16.34 -8.57 -5.02
C SER C 75 -16.41 -7.25 -5.79
N THR C 76 -15.38 -6.53 -5.91
CA THR C 76 -15.25 -5.21 -6.56
C THR C 76 -14.07 -5.46 -7.56
N PRO C 77 -14.26 -4.94 -8.73
CA PRO C 77 -13.24 -5.15 -9.77
C PRO C 77 -12.05 -4.16 -9.58
N GLY C 78 -10.84 -4.65 -9.97
CA GLY C 78 -9.64 -3.83 -10.00
C GLY C 78 -9.67 -3.05 -11.30
N VAL C 79 -8.98 -1.96 -11.30
CA VAL C 79 -8.91 -1.06 -12.50
C VAL C 79 -7.47 -1.13 -12.95
N TYR C 80 -7.34 -1.26 -14.29
CA TYR C 80 -6.02 -1.49 -14.92
C TYR C 80 -5.72 -0.46 -15.96
N ALA C 81 -4.54 -0.03 -16.14
CA ALA C 81 -4.33 0.89 -17.37
C ALA C 81 -4.51 -0.01 -18.61
N ARG C 82 -5.32 0.41 -19.55
CA ARG C 82 -5.60 -0.40 -20.85
C ARG C 82 -4.48 -0.21 -21.81
N VAL C 83 -3.61 -1.22 -21.86
CA VAL C 83 -2.41 -1.09 -22.76
C VAL C 83 -2.82 -0.82 -24.20
N THR C 84 -3.90 -1.45 -24.58
CA THR C 84 -4.39 -1.19 -26.01
C THR C 84 -4.51 0.24 -26.36
N ALA C 85 -4.99 1.04 -25.35
CA ALA C 85 -5.18 2.47 -25.60
C ALA C 85 -3.94 3.30 -25.48
N LEU C 86 -2.89 2.71 -24.98
CA LEU C 86 -1.66 3.44 -24.69
C LEU C 86 -0.45 2.92 -25.44
N VAL C 87 -0.63 1.79 -26.08
CA VAL C 87 0.48 1.12 -26.87
C VAL C 87 1.01 2.03 -27.94
N ASN C 88 0.20 2.70 -28.72
CA ASN C 88 0.84 3.55 -29.82
C ASN C 88 1.94 4.37 -29.21
N TRP C 89 1.74 4.88 -27.98
CA TRP C 89 2.70 5.73 -27.30
C TRP C 89 3.89 4.88 -26.95
N VAL C 90 3.68 3.65 -26.49
CA VAL C 90 4.94 2.90 -26.07
C VAL C 90 5.89 2.71 -27.29
N GLN C 91 5.26 2.19 -28.33
CA GLN C 91 5.99 1.87 -29.61
C GLN C 91 6.75 3.04 -30.19
N GLN C 92 6.16 4.19 -30.27
CA GLN C 92 6.70 5.48 -30.72
C GLN C 92 7.83 5.87 -29.80
N THR C 93 7.67 5.75 -28.51
CA THR C 93 8.76 6.07 -27.58
C THR C 93 9.92 5.16 -27.91
N LEU C 94 9.65 3.88 -28.06
CA LEU C 94 10.62 2.84 -28.30
C LEU C 94 11.34 3.16 -29.63
N ALA C 95 10.58 3.49 -30.67
CA ALA C 95 11.08 3.84 -32.00
C ALA C 95 12.01 5.01 -31.92
N ALA C 96 11.70 6.05 -31.16
CA ALA C 96 12.61 7.18 -31.00
C ALA C 96 13.74 6.98 -29.98
N ASN C 97 13.77 6.05 -29.07
CA ASN C 97 14.85 5.94 -28.10
C ASN C 97 15.78 4.78 -27.85
N CYS D 1 1.45 10.52 30.16
CA CYS D 1 1.32 10.29 28.69
C CYS D 1 0.99 11.53 27.86
N GLY D 2 1.24 11.45 26.59
CA GLY D 2 0.86 12.58 25.69
C GLY D 2 1.60 13.87 25.76
N VAL D 3 2.80 14.06 26.32
CA VAL D 3 3.53 15.30 26.35
C VAL D 3 4.97 15.04 25.96
N PRO D 4 5.21 15.29 24.66
CA PRO D 4 6.59 14.95 24.17
C PRO D 4 7.58 15.89 24.77
N ALA D 5 8.79 15.44 24.95
CA ALA D 5 9.97 16.11 25.43
C ALA D 5 10.36 17.12 24.38
N ILE D 6 10.10 16.68 23.12
CA ILE D 6 10.34 17.45 21.94
C ILE D 6 8.98 17.94 21.40
N GLN D 7 8.81 19.25 21.40
CA GLN D 7 7.48 19.71 20.97
C GLN D 7 7.14 19.67 19.52
N PRO D 8 6.08 19.01 19.13
CA PRO D 8 5.70 19.03 17.71
C PRO D 8 5.80 20.50 17.33
N VAL D 9 6.08 20.84 16.17
N ILE E 1 1.22 9.87 4.01
CA ILE E 1 0.54 11.19 4.00
C ILE E 1 0.68 12.03 2.66
N VAL E 2 -0.46 12.36 2.03
CA VAL E 2 -0.34 13.25 0.92
C VAL E 2 -0.43 14.72 1.34
N ASN E 3 0.48 15.56 1.02
CA ASN E 3 0.35 17.00 1.30
C ASN E 3 0.58 17.26 2.84
N GLY E 4 1.36 16.45 3.50
CA GLY E 4 1.73 16.61 4.89
C GLY E 4 2.89 17.58 4.87
N GLU E 5 3.67 17.55 5.96
CA GLU E 5 4.85 18.35 6.23
C GLU E 5 5.87 17.42 6.85
N GLU E 6 7.15 17.72 6.73
CA GLU E 6 8.13 16.85 7.41
C GLU E 6 8.04 17.08 8.96
N ALA E 7 8.10 16.09 9.82
CA ALA E 7 7.95 16.35 11.31
C ALA E 7 9.23 16.70 11.94
N VAL E 8 9.21 17.37 13.03
CA VAL E 8 10.40 17.67 13.86
C VAL E 8 10.75 16.28 14.36
N PRO E 9 12.02 15.87 14.18
CA PRO E 9 12.43 14.60 14.64
C PRO E 9 12.13 14.36 16.09
N GLY E 10 11.55 13.23 16.44
CA GLY E 10 11.26 12.87 17.85
C GLY E 10 10.12 13.59 18.53
N SER E 11 9.29 14.30 17.86
CA SER E 11 8.18 15.02 18.38
C SER E 11 6.89 14.23 18.44
N TRP E 12 6.85 13.00 18.05
CA TRP E 12 5.62 12.13 18.04
C TRP E 12 6.23 10.81 18.50
N PRO E 13 6.61 10.77 19.74
CA PRO E 13 7.38 9.71 20.30
C PRO E 13 6.65 8.46 20.48
N TRP E 14 5.36 8.37 20.33
CA TRP E 14 4.78 7.03 20.55
C TRP E 14 4.72 6.34 19.19
N GLN E 15 4.98 7.13 18.17
CA GLN E 15 4.93 6.63 16.77
C GLN E 15 5.96 5.54 16.63
N VAL E 16 5.55 4.38 16.09
CA VAL E 16 6.34 3.20 15.83
C VAL E 16 6.07 2.82 14.34
N SER E 17 6.93 1.92 13.98
CA SER E 17 6.82 1.42 12.46
C SER E 17 6.94 -0.05 12.64
N LEU E 18 6.14 -0.91 12.14
CA LEU E 18 6.27 -2.37 12.20
C LEU E 18 6.92 -2.80 10.77
N GLN E 19 7.85 -3.67 10.93
CA GLN E 19 8.66 -4.32 9.94
C GLN E 19 8.43 -5.81 9.94
N ASP E 20 8.32 -6.49 8.78
CA ASP E 20 8.16 -7.96 8.77
C ASP E 20 9.56 -8.58 8.88
N LYS E 21 9.68 -9.90 8.73
CA LYS E 21 11.05 -10.45 8.86
C LYS E 21 11.98 -10.14 7.74
N THR E 22 11.46 -9.93 6.55
CA THR E 22 12.34 -9.67 5.38
C THR E 22 12.97 -8.34 5.66
N GLY E 23 12.37 -7.67 6.68
CA GLY E 23 12.90 -6.38 7.08
C GLY E 23 12.26 -5.09 6.82
N PHE E 24 11.12 -4.85 6.17
CA PHE E 24 10.81 -3.38 6.19
C PHE E 24 9.34 -3.16 6.48
N HIS E 25 9.07 -1.88 6.56
CA HIS E 25 7.84 -1.23 6.91
C HIS E 25 6.56 -1.61 6.26
N PHE E 26 5.56 -2.16 6.97
CA PHE E 26 4.27 -2.51 6.48
C PHE E 26 3.10 -1.79 7.15
N CYS E 27 3.42 -1.23 8.33
CA CYS E 27 2.32 -0.51 9.07
C CYS E 27 2.89 0.36 10.12
N GLY E 28 1.98 1.24 10.56
CA GLY E 28 2.29 2.14 11.72
C GLY E 28 1.65 1.51 12.97
N GLY E 29 1.97 2.15 14.13
CA GLY E 29 1.52 1.78 15.42
C GLY E 29 1.79 2.92 16.47
N SER E 30 1.18 2.81 17.65
CA SER E 30 1.35 3.83 18.72
C SER E 30 1.59 3.12 20.09
N LEU E 31 2.62 3.58 20.72
CA LEU E 31 3.08 2.97 21.98
C LEU E 31 2.04 3.48 23.07
N ILE E 32 1.39 2.52 23.72
CA ILE E 32 0.49 3.20 24.80
C ILE E 32 1.10 3.03 26.19
N ASN E 33 2.11 2.19 26.25
CA ASN E 33 2.78 1.92 27.57
C ASN E 33 4.18 1.56 27.08
N GLU E 34 5.03 1.06 27.97
CA GLU E 34 6.38 0.60 27.66
C GLU E 34 6.37 -0.84 27.13
N ASN E 35 5.27 -1.50 27.39
CA ASN E 35 5.04 -2.90 27.03
C ASN E 35 3.95 -3.16 26.01
N TRP E 36 3.25 -2.17 25.47
CA TRP E 36 2.14 -2.44 24.57
C TRP E 36 2.05 -1.42 23.46
N VAL E 37 1.77 -1.98 22.24
CA VAL E 37 1.54 -1.06 21.08
C VAL E 37 0.16 -1.22 20.54
N VAL E 38 -0.48 -0.22 20.05
CA VAL E 38 -1.82 -0.40 19.35
C VAL E 38 -1.56 -0.09 17.91
N THR E 39 -2.27 -0.91 17.03
CA THR E 39 -2.16 -0.74 15.58
C THR E 39 -3.45 -1.25 15.01
N ALA E 40 -3.65 -1.33 13.66
CA ALA E 40 -4.83 -1.86 13.05
C ALA E 40 -4.81 -3.39 13.00
N ALA E 41 -6.01 -3.97 13.03
CA ALA E 41 -6.19 -5.39 12.91
C ALA E 41 -5.94 -5.79 11.38
N HIS E 42 -6.26 -4.84 10.49
CA HIS E 42 -5.99 -5.17 9.07
C HIS E 42 -4.50 -5.37 8.78
N CYS E 43 -3.57 -4.83 9.61
CA CYS E 43 -2.14 -5.02 9.37
C CYS E 43 -1.66 -6.46 9.43
N GLY E 44 -2.41 -7.37 9.97
CA GLY E 44 -2.01 -8.78 10.11
C GLY E 44 -0.71 -9.04 10.78
N VAL E 45 -0.46 -8.43 11.88
CA VAL E 45 0.75 -8.58 12.69
C VAL E 45 0.81 -9.98 13.35
N THR E 46 2.00 -10.49 13.46
CA THR E 46 2.36 -11.82 13.90
C THR E 46 3.69 -11.56 14.61
N THR E 47 4.06 -12.47 15.45
CA THR E 47 5.21 -12.48 16.33
C THR E 47 6.52 -12.58 15.61
N SER E 48 6.44 -12.65 14.26
CA SER E 48 7.65 -12.70 13.43
C SER E 48 8.04 -11.24 13.18
N ASP E 49 6.98 -10.41 13.31
CA ASP E 49 7.12 -9.01 13.09
C ASP E 49 7.91 -8.31 14.19
N VAL E 50 8.45 -7.13 13.79
CA VAL E 50 9.24 -6.39 14.87
C VAL E 50 8.72 -4.98 14.88
N VAL E 51 8.74 -4.41 16.03
CA VAL E 51 8.31 -3.05 16.32
C VAL E 51 9.56 -2.20 16.45
N VAL E 52 9.55 -1.12 15.66
CA VAL E 52 10.71 -0.20 15.73
C VAL E 52 10.29 1.15 16.26
N ALA E 53 10.91 1.48 17.37
CA ALA E 53 10.73 2.69 18.15
C ALA E 53 11.98 3.57 18.09
N GLY E 54 11.61 4.84 18.05
CA GLY E 54 12.73 5.84 18.08
C GLY E 54 13.15 6.23 16.70
N GLU E 55 12.42 5.90 15.68
CA GLU E 55 12.75 6.21 14.27
C GLU E 55 12.24 7.52 13.73
N PHE E 56 13.19 8.14 12.99
CA PHE E 56 12.80 9.36 12.29
C PHE E 56 12.86 9.11 10.71
N ASP E 57 14.04 8.77 10.29
CA ASP E 57 14.39 8.54 8.86
C ASP E 57 14.65 7.04 8.64
N GLN E 58 13.75 6.45 7.93
CA GLN E 58 13.87 5.00 7.63
C GLN E 58 15.15 4.73 6.81
N GLY E 59 15.89 5.78 6.55
CA GLY E 59 17.17 5.77 5.85
C GLY E 59 18.28 5.88 6.94
N SER E 60 18.07 6.62 8.01
CA SER E 60 19.06 6.76 9.08
C SER E 60 20.14 5.68 8.98
N SER E 61 21.34 6.08 8.62
CA SER E 61 22.48 5.17 8.48
C SER E 61 22.61 4.29 9.73
N SER E 62 22.21 4.92 10.82
CA SER E 62 22.22 4.33 12.17
C SER E 62 21.80 5.44 13.14
N GLU E 63 20.90 5.04 14.00
CA GLU E 63 20.34 5.93 15.02
C GLU E 63 20.18 5.13 16.31
N LYS E 64 19.61 5.82 17.27
CA LYS E 64 19.42 5.21 18.62
C LYS E 64 18.06 4.57 18.68
N ILE E 65 17.77 3.88 17.55
CA ILE E 65 16.48 3.18 17.42
C ILE E 65 16.54 1.95 18.32
N GLN E 66 15.36 1.48 18.65
CA GLN E 66 15.08 0.30 19.47
C GLN E 66 14.06 -0.51 18.64
N LYS E 67 14.46 -1.74 18.40
CA LYS E 67 13.73 -2.75 17.69
C LYS E 67 13.05 -3.70 18.67
N LEU E 68 11.71 -3.74 18.74
CA LEU E 68 11.19 -4.67 19.78
C LEU E 68 10.48 -5.90 19.23
N LYS E 69 10.66 -7.02 19.90
CA LYS E 69 10.12 -8.37 19.68
C LYS E 69 8.72 -8.32 20.31
N ILE E 70 7.84 -9.05 19.66
CA ILE E 70 6.47 -9.10 20.04
C ILE E 70 6.14 -10.48 20.64
N ALA E 71 5.80 -10.43 21.96
CA ALA E 71 5.48 -11.64 22.68
C ALA E 71 4.15 -12.30 22.34
N LYS E 72 3.16 -11.46 22.17
CA LYS E 72 1.80 -12.00 21.91
C LYS E 72 1.01 -10.96 21.13
N VAL E 73 0.16 -11.40 20.16
CA VAL E 73 -0.59 -10.45 19.41
C VAL E 73 -2.00 -10.52 19.92
N PHE E 74 -2.61 -9.39 20.11
CA PHE E 74 -4.03 -9.49 20.62
C PHE E 74 -4.95 -8.84 19.66
N LYS E 75 -5.59 -9.66 18.87
CA LYS E 75 -6.49 -9.20 17.75
C LYS E 75 -7.91 -9.16 18.22
N ASN E 76 -8.56 -8.03 18.09
CA ASN E 76 -9.95 -7.96 18.62
C ASN E 76 -10.78 -9.03 17.94
N SER E 77 -11.42 -9.91 18.57
CA SER E 77 -12.24 -11.00 18.10
C SER E 77 -13.43 -10.47 17.33
N LYS E 78 -13.68 -9.17 17.31
CA LYS E 78 -14.85 -8.70 16.53
C LYS E 78 -14.48 -8.08 15.14
N TYR E 79 -13.23 -8.11 14.85
CA TYR E 79 -12.66 -7.53 13.65
C TYR E 79 -13.38 -8.08 12.39
N ASN E 80 -13.97 -7.23 11.56
CA ASN E 80 -14.67 -7.83 10.39
C ASN E 80 -13.81 -7.70 9.11
N SER E 81 -13.30 -8.81 8.61
CA SER E 81 -12.38 -8.64 7.45
C SER E 81 -13.05 -8.24 6.15
N LEU E 82 -14.34 -8.17 5.96
CA LEU E 82 -15.10 -7.74 4.86
C LEU E 82 -15.44 -6.25 5.08
N THR E 83 -15.99 -5.89 6.13
CA THR E 83 -16.32 -4.48 6.55
C THR E 83 -15.14 -3.71 7.16
N ILE E 84 -14.20 -4.43 7.76
CA ILE E 84 -13.03 -3.73 8.33
C ILE E 84 -13.40 -2.98 9.66
N ASN E 85 -14.54 -3.34 10.27
CA ASN E 85 -15.07 -2.75 11.43
C ASN E 85 -14.26 -3.37 12.66
N ASN E 86 -14.13 -2.57 13.61
CA ASN E 86 -13.41 -3.04 14.91
C ASN E 86 -11.97 -3.21 14.46
N ASP E 87 -11.48 -2.28 13.60
CA ASP E 87 -10.05 -2.47 13.17
C ASP E 87 -8.95 -2.26 14.20
N ILE E 88 -8.77 -3.13 15.13
CA ILE E 88 -7.65 -2.97 16.11
C ILE E 88 -7.09 -4.27 16.68
N THR E 89 -5.81 -4.12 16.96
CA THR E 89 -4.94 -5.08 17.55
C THR E 89 -4.00 -4.45 18.63
N LEU E 90 -3.77 -5.37 19.56
CA LEU E 90 -2.83 -4.94 20.66
C LEU E 90 -1.60 -5.85 20.57
N LEU E 91 -0.44 -5.19 20.74
CA LEU E 91 0.79 -5.99 20.65
C LEU E 91 1.51 -5.89 21.97
N LYS E 92 1.72 -7.03 22.60
CA LYS E 92 2.42 -7.08 23.93
C LYS E 92 3.89 -7.38 23.74
N LEU E 93 4.73 -6.39 23.98
CA LEU E 93 6.16 -6.36 23.84
C LEU E 93 6.91 -7.45 24.60
N SER E 94 7.65 -8.27 23.87
CA SER E 94 8.42 -9.35 24.52
C SER E 94 9.31 -8.58 25.48
N THR E 95 9.87 -7.50 24.92
CA THR E 95 10.69 -6.64 25.80
C THR E 95 10.22 -5.19 25.60
N ALA E 96 10.07 -4.65 26.79
CA ALA E 96 9.64 -3.28 27.01
C ALA E 96 10.63 -2.29 26.41
N ALA E 97 10.06 -1.19 26.02
CA ALA E 97 10.79 -0.07 25.48
C ALA E 97 11.39 0.73 26.65
N SER E 98 12.40 1.54 26.30
CA SER E 98 13.02 2.38 27.38
C SER E 98 12.65 3.78 26.94
N PHE E 99 11.70 4.40 27.65
CA PHE E 99 11.18 5.74 27.38
C PHE E 99 12.31 6.77 27.42
N SER E 100 12.20 7.82 26.61
CA SER E 100 13.35 8.75 26.65
C SER E 100 12.98 10.04 25.94
N GLN E 101 13.82 11.01 25.66
CA GLN E 101 13.29 12.24 25.01
C GLN E 101 12.54 11.87 23.74
N THR E 102 13.01 10.83 23.08
CA THR E 102 12.37 10.41 21.81
C THR E 102 11.38 9.31 21.90
N VAL E 103 11.33 8.41 22.86
CA VAL E 103 10.29 7.37 22.85
C VAL E 103 9.47 7.52 24.18
N SER E 104 8.14 7.53 24.03
CA SER E 104 7.16 7.73 25.14
C SER E 104 5.78 7.46 24.71
N ALA E 105 4.76 7.29 25.57
CA ALA E 105 3.42 6.94 25.10
C ALA E 105 2.37 8.02 24.94
N VAL E 106 1.40 7.71 24.05
CA VAL E 106 0.29 8.62 23.82
C VAL E 106 -0.82 8.36 24.90
N CYS E 107 -1.68 9.35 25.07
CA CYS E 107 -2.82 9.02 26.03
C CYS E 107 -4.00 8.34 25.34
N LEU E 108 -4.79 7.55 26.05
CA LEU E 108 -6.00 6.85 25.66
C LEU E 108 -7.21 7.62 26.22
N PRO E 109 -8.26 7.71 25.43
CA PRO E 109 -9.44 8.40 25.74
C PRO E 109 -10.30 7.42 26.57
N SER E 110 -11.50 7.87 26.97
CA SER E 110 -12.45 7.00 27.73
C SER E 110 -13.57 6.79 26.70
N ALA E 111 -14.27 5.68 26.77
CA ALA E 111 -15.37 5.34 25.94
C ALA E 111 -16.39 6.45 25.87
N SER E 112 -16.52 7.16 26.97
CA SER E 112 -17.49 8.27 27.06
C SER E 112 -16.99 9.56 26.45
N ASP E 113 -15.73 9.79 26.15
CA ASP E 113 -15.23 11.07 25.63
C ASP E 113 -15.84 11.47 24.26
N ASP E 114 -15.91 12.77 24.09
CA ASP E 114 -16.45 13.37 22.89
C ASP E 114 -15.49 14.27 22.14
N PHE E 115 -15.13 13.72 20.96
CA PHE E 115 -14.26 14.62 20.12
C PHE E 115 -15.26 15.13 19.10
N ALA E 116 -15.59 16.38 19.15
CA ALA E 116 -16.49 17.05 18.28
C ALA E 116 -15.89 17.14 16.79
N ALA E 117 -16.90 17.11 15.95
CA ALA E 117 -16.76 17.28 14.53
C ALA E 117 -16.23 18.65 14.26
N GLY E 118 -15.02 18.74 13.77
CA GLY E 118 -14.46 20.04 13.38
C GLY E 118 -13.17 20.18 14.17
N THR E 119 -12.96 19.39 15.21
CA THR E 119 -11.76 19.45 16.00
C THR E 119 -10.47 19.30 15.25
N THR E 120 -9.47 20.06 15.40
CA THR E 120 -8.18 19.95 14.72
C THR E 120 -7.29 18.83 15.21
N CYS E 121 -7.21 17.70 14.58
CA CYS E 121 -6.29 16.61 14.98
C CYS E 121 -5.07 16.55 14.03
N VAL E 122 -4.20 15.62 14.28
CA VAL E 122 -2.91 15.40 13.68
C VAL E 122 -2.80 13.85 13.45
N THR E 123 -2.25 13.54 12.29
CA THR E 123 -1.95 12.15 11.86
C THR E 123 -0.53 12.24 11.27
N THR E 124 0.18 11.19 11.46
CA THR E 124 1.59 10.99 11.16
C THR E 124 1.75 9.55 10.58
N GLY E 125 2.89 9.45 9.93
CA GLY E 125 3.32 8.16 9.27
C GLY E 125 4.34 8.39 8.17
N TRP E 126 4.73 7.24 7.74
CA TRP E 126 5.69 7.08 6.59
C TRP E 126 4.90 6.53 5.40
N GLY E 127 3.61 6.80 5.16
CA GLY E 127 2.98 6.20 3.97
C GLY E 127 3.22 7.08 2.72
N LEU E 128 2.68 6.67 1.63
CA LEU E 128 2.93 7.44 0.38
C LEU E 128 2.60 8.95 0.45
N THR E 129 3.53 9.71 -0.12
CA THR E 129 3.25 11.19 -0.13
C THR E 129 2.43 11.65 -1.32
N ARG E 130 2.35 10.68 -2.23
CA ARG E 130 1.67 10.85 -3.58
C ARG E 130 1.14 9.46 -3.85
N TYR E 131 0.01 9.36 -4.48
CA TYR E 131 -0.60 8.07 -4.88
C TYR E 131 0.39 7.30 -5.76
N ALA F 1 10.46 6.55 -6.38
CA ALA F 1 9.28 6.11 -5.55
C ALA F 1 8.63 7.23 -4.80
N ASN F 2 7.41 7.08 -4.29
CA ASN F 2 6.58 8.03 -3.56
C ASN F 2 6.61 7.81 -2.01
N THR F 3 7.50 6.99 -1.53
CA THR F 3 7.67 6.67 -0.09
C THR F 3 8.70 7.60 0.49
N PRO F 4 8.33 8.31 1.60
CA PRO F 4 9.19 9.30 2.20
C PRO F 4 10.12 8.53 3.09
N ASP F 5 11.31 9.03 3.35
CA ASP F 5 12.24 8.42 4.32
C ASP F 5 11.92 9.08 5.68
N ARG F 6 11.60 10.36 5.68
CA ARG F 6 11.29 11.02 7.02
C ARG F 6 9.83 11.06 7.42
N LEU F 7 9.49 10.97 8.67
CA LEU F 7 8.10 10.98 9.23
C LEU F 7 7.37 12.20 8.80
N GLN F 8 6.15 12.01 8.28
CA GLN F 8 5.20 13.05 7.86
C GLN F 8 4.08 13.20 8.99
N GLN F 9 3.58 14.39 9.06
CA GLN F 9 2.52 14.84 9.90
C GLN F 9 1.60 15.74 9.22
N ALA F 10 0.33 15.62 9.44
CA ALA F 10 -0.59 16.53 8.80
C ALA F 10 -1.70 16.85 9.72
N SER F 11 -2.12 18.12 9.69
CA SER F 11 -3.20 18.50 10.73
C SER F 11 -4.51 18.32 9.91
N LEU F 12 -5.59 17.91 10.55
CA LEU F 12 -6.85 17.81 9.76
C LEU F 12 -8.03 17.81 10.75
N PRO F 13 -9.17 18.25 10.22
CA PRO F 13 -10.36 18.37 11.09
C PRO F 13 -11.06 17.03 11.22
N LEU F 14 -11.70 16.75 12.37
CA LEU F 14 -12.46 15.53 12.43
C LEU F 14 -13.81 15.73 11.71
N LEU F 15 -14.50 14.67 11.27
CA LEU F 15 -15.80 14.90 10.62
C LEU F 15 -16.96 14.24 11.42
N SER F 16 -18.15 14.74 11.16
CA SER F 16 -19.31 14.07 11.89
C SER F 16 -19.65 12.81 11.06
N ASN F 17 -19.93 11.68 11.67
CA ASN F 17 -20.23 10.46 10.98
C ASN F 17 -21.36 10.71 9.98
N THR F 18 -22.18 11.76 10.07
CA THR F 18 -23.26 11.81 9.04
C THR F 18 -22.80 12.65 7.89
N ASN F 19 -21.72 13.39 8.13
CA ASN F 19 -21.16 14.13 6.97
C ASN F 19 -20.29 13.17 6.11
N CYS F 20 -19.76 12.20 6.85
CA CYS F 20 -18.87 11.21 6.32
C CYS F 20 -19.67 10.25 5.46
N LYS F 21 -20.90 9.99 5.88
CA LYS F 21 -21.79 9.06 5.20
C LYS F 21 -22.17 9.55 3.79
N LYS F 22 -22.00 10.82 3.61
CA LYS F 22 -22.24 11.64 2.46
C LYS F 22 -21.36 11.01 1.37
N TYR F 23 -20.09 10.94 1.60
CA TYR F 23 -18.97 10.40 0.88
C TYR F 23 -18.90 8.90 0.82
N TRP F 24 -19.09 8.09 1.87
CA TRP F 24 -18.95 6.66 1.88
C TRP F 24 -20.19 5.88 2.17
N GLY F 25 -21.29 6.56 2.34
CA GLY F 25 -22.56 5.99 2.69
C GLY F 25 -22.52 5.03 3.84
N THR F 26 -22.99 3.84 3.44
CA THR F 26 -23.13 2.64 4.26
C THR F 26 -21.93 1.87 4.66
N LYS F 27 -20.72 2.17 4.25
CA LYS F 27 -19.52 1.42 4.69
C LYS F 27 -18.95 1.88 6.07
N ILE F 28 -19.53 2.97 6.54
CA ILE F 28 -19.16 3.61 7.78
C ILE F 28 -20.06 3.00 8.91
N LYS F 29 -19.34 2.23 9.72
CA LYS F 29 -20.03 1.59 10.81
C LYS F 29 -19.60 2.30 12.17
N ASP F 30 -20.20 1.68 13.14
CA ASP F 30 -20.13 2.08 14.61
C ASP F 30 -18.77 2.49 15.06
N ALA F 31 -17.78 1.60 14.89
CA ALA F 31 -16.41 1.87 15.32
C ALA F 31 -15.61 2.63 14.31
N MET F 32 -16.27 3.52 13.55
CA MET F 32 -15.35 4.24 12.53
C MET F 32 -15.51 5.72 12.68
N ILE F 33 -14.44 6.44 12.49
CA ILE F 33 -14.39 7.87 12.63
C ILE F 33 -13.68 8.44 11.42
N CYS F 34 -14.26 9.50 10.90
CA CYS F 34 -13.60 10.02 9.59
C CYS F 34 -12.93 11.36 9.89
N ALA F 35 -11.94 11.65 9.07
CA ALA F 35 -11.25 12.93 9.23
C ALA F 35 -10.59 13.32 7.91
N GLY F 36 -10.34 14.62 7.70
CA GLY F 36 -9.70 14.99 6.40
C GLY F 36 -10.65 15.58 5.42
N ALA F 37 -10.51 15.18 4.13
CA ALA F 37 -11.30 15.72 3.00
C ALA F 37 -10.90 17.17 2.96
N SER F 38 -9.78 17.51 3.55
CA SER F 38 -9.44 18.97 3.51
C SER F 38 -8.11 19.41 3.01
N GLY F 39 -7.47 18.58 2.10
CA GLY F 39 -6.23 18.89 1.43
C GLY F 39 -5.06 17.99 1.74
N VAL F 40 -5.36 17.01 2.59
CA VAL F 40 -4.36 15.99 3.04
C VAL F 40 -5.11 14.70 2.94
N SER F 41 -4.45 13.56 3.01
CA SER F 41 -5.21 12.28 3.13
C SER F 41 -4.20 11.33 3.70
N SER F 42 -4.44 10.30 4.47
CA SER F 42 -3.39 9.34 4.88
C SER F 42 -3.26 8.53 3.48
N CYS F 43 -2.21 7.73 3.34
CA CYS F 43 -2.09 6.95 2.12
C CYS F 43 -1.52 5.59 2.38
N MET F 44 -1.54 4.75 1.22
CA MET F 44 -0.91 3.38 1.56
C MET F 44 0.35 3.52 2.46
N GLY F 45 0.55 2.68 3.44
CA GLY F 45 1.73 2.74 4.29
C GLY F 45 1.52 3.41 5.67
N ASP F 46 0.50 4.24 5.77
CA ASP F 46 0.04 5.01 6.98
C ASP F 46 -0.75 4.13 7.95
N SER F 47 -1.41 3.12 7.44
CA SER F 47 -2.18 2.12 8.18
C SER F 47 -1.68 1.77 9.56
N GLY F 48 -2.64 1.67 10.49
CA GLY F 48 -2.21 1.37 11.93
C GLY F 48 -1.59 2.46 12.79
N GLY F 49 -1.34 3.60 12.14
CA GLY F 49 -0.68 4.66 12.94
C GLY F 49 -1.80 5.51 13.62
N PRO F 50 -1.30 6.57 14.17
CA PRO F 50 -2.27 7.39 14.93
C PRO F 50 -3.02 8.51 14.33
N LEU F 51 -4.21 8.79 14.88
CA LEU F 51 -4.91 10.06 14.61
C LEU F 51 -4.96 10.68 16.11
N VAL F 52 -4.32 11.77 16.42
CA VAL F 52 -4.36 12.25 17.82
C VAL F 52 -4.95 13.66 17.94
N CYS F 53 -5.55 13.96 19.04
CA CYS F 53 -6.13 15.36 19.24
C CYS F 53 -5.67 15.70 20.72
N LYS F 54 -5.49 16.97 20.99
CA LYS F 54 -4.97 17.50 22.22
C LYS F 54 -6.14 17.68 23.23
N LYS F 55 -5.88 17.12 24.39
CA LYS F 55 -6.97 17.25 25.41
C LYS F 55 -6.40 17.41 26.82
N ASN F 56 -6.52 18.69 27.25
CA ASN F 56 -6.05 19.00 28.69
C ASN F 56 -4.56 19.12 28.63
N GLY F 57 -4.11 19.72 27.51
CA GLY F 57 -2.70 19.91 27.21
C GLY F 57 -2.06 18.58 26.80
N ALA F 58 -2.79 17.53 26.54
CA ALA F 58 -2.12 16.28 26.15
C ALA F 58 -2.64 15.58 24.90
N TRP F 59 -1.73 14.93 24.15
CA TRP F 59 -2.27 14.27 22.88
C TRP F 59 -2.99 13.00 23.18
N THR F 60 -4.14 12.79 22.58
CA THR F 60 -4.81 11.49 22.94
C THR F 60 -5.11 10.71 21.69
N LEU F 61 -5.13 9.46 21.75
CA LEU F 61 -5.46 8.55 20.56
C LEU F 61 -6.91 8.52 20.22
N VAL F 62 -7.35 9.19 19.18
CA VAL F 62 -8.85 9.16 18.86
C VAL F 62 -9.06 8.14 17.59
N GLY F 63 -7.98 8.14 16.83
CA GLY F 63 -8.05 7.20 15.65
C GLY F 63 -6.80 6.41 15.36
N ILE F 64 -7.02 5.35 14.70
CA ILE F 64 -6.14 4.34 14.13
C ILE F 64 -6.47 4.33 12.53
N VAL F 65 -5.42 4.67 11.75
CA VAL F 65 -5.60 4.72 10.28
C VAL F 65 -6.07 3.39 9.75
N SER F 66 -7.21 3.44 9.13
CA SER F 66 -7.82 2.16 8.67
C SER F 66 -8.04 2.05 7.16
N TRP F 67 -8.70 2.96 6.48
CA TRP F 67 -8.89 2.72 4.97
C TRP F 67 -9.33 4.12 4.57
N GLY F 68 -9.51 4.44 3.37
CA GLY F 68 -9.84 5.70 2.77
C GLY F 68 -9.91 5.48 1.17
N SER F 69 -9.76 6.68 0.58
CA SER F 69 -9.80 6.93 -0.83
C SER F 69 -8.93 5.91 -1.66
N SER F 70 -9.50 5.27 -2.60
CA SER F 70 -8.68 4.27 -3.46
C SER F 70 -7.45 4.86 -4.16
N THR F 71 -7.39 6.12 -4.38
CA THR F 71 -6.38 7.06 -4.79
C THR F 71 -5.77 8.06 -3.78
N CYS F 72 -6.05 7.99 -2.57
CA CYS F 72 -5.46 8.94 -1.51
C CYS F 72 -5.85 10.36 -1.74
N SER F 73 -7.02 10.48 -2.37
CA SER F 73 -7.57 11.78 -2.79
C SER F 73 -7.68 12.62 -1.43
N THR F 74 -7.16 13.77 -1.58
CA THR F 74 -7.02 14.82 -0.57
C THR F 74 -8.33 15.56 -0.41
N SER F 75 -9.38 15.12 -1.03
CA SER F 75 -10.69 15.65 -0.95
C SER F 75 -11.70 14.62 -0.46
N THR F 76 -11.29 13.46 -0.13
CA THR F 76 -12.12 12.37 0.39
C THR F 76 -11.61 12.16 1.88
N PRO F 77 -12.57 11.99 2.75
CA PRO F 77 -12.08 11.81 4.18
C PRO F 77 -11.48 10.44 4.44
N GLY F 78 -10.49 10.27 5.21
CA GLY F 78 -9.89 8.95 5.54
C GLY F 78 -10.84 8.34 6.58
N VAL F 79 -10.81 7.10 6.86
CA VAL F 79 -11.67 6.39 7.81
C VAL F 79 -10.68 5.79 8.81
N TYR F 80 -10.92 6.06 10.03
CA TYR F 80 -9.95 5.59 11.16
C TYR F 80 -10.80 4.76 12.04
N ALA F 81 -10.24 3.80 12.71
CA ALA F 81 -10.96 3.02 13.79
C ALA F 81 -11.32 4.00 14.96
N ARG F 82 -12.56 3.98 15.38
CA ARG F 82 -12.76 5.01 16.52
C ARG F 82 -12.35 4.40 17.84
N VAL F 83 -11.31 4.77 18.45
CA VAL F 83 -10.77 4.28 19.81
C VAL F 83 -11.78 4.18 20.96
N THR F 84 -12.57 5.22 21.00
CA THR F 84 -13.69 5.46 21.94
C THR F 84 -14.51 4.20 22.05
N ALA F 85 -14.81 3.73 20.80
CA ALA F 85 -15.57 2.54 20.60
C ALA F 85 -14.73 1.34 21.00
N LEU F 86 -13.42 1.48 21.21
CA LEU F 86 -12.73 0.13 21.39
C LEU F 86 -11.86 0.07 22.57
N VAL F 87 -11.66 1.23 23.19
CA VAL F 87 -10.87 1.31 24.40
C VAL F 87 -11.34 0.51 25.64
N ASN F 88 -12.59 0.13 25.85
CA ASN F 88 -13.03 -0.69 26.98
C ASN F 88 -12.40 -2.06 26.66
N TRP F 89 -12.50 -2.36 25.21
CA TRP F 89 -11.85 -3.68 24.96
C TRP F 89 -10.38 -3.64 25.29
N VAL F 90 -9.67 -2.58 24.93
CA VAL F 90 -8.24 -2.39 25.22
C VAL F 90 -7.94 -2.45 26.76
N GLN F 91 -8.70 -1.62 27.47
CA GLN F 91 -8.46 -1.58 28.99
C GLN F 91 -8.64 -2.94 29.63
N GLN F 92 -9.73 -3.65 29.28
CA GLN F 92 -9.93 -5.00 29.82
C GLN F 92 -8.72 -5.87 29.47
N THR F 93 -8.28 -5.80 28.18
CA THR F 93 -7.14 -6.60 27.77
C THR F 93 -5.95 -6.29 28.65
N LEU F 94 -5.64 -5.00 28.75
CA LEU F 94 -4.46 -4.53 29.54
C LEU F 94 -4.70 -5.02 30.98
N ALA F 95 -5.83 -4.64 31.56
CA ALA F 95 -6.15 -4.98 33.01
C ALA F 95 -5.80 -6.46 33.17
N ALA F 96 -6.22 -7.29 32.15
CA ALA F 96 -5.98 -8.73 32.21
C ALA F 96 -4.65 -9.35 31.76
N ASN F 97 -3.72 -8.69 31.15
CA ASN F 97 -2.49 -9.50 30.83
C ASN F 97 -1.27 -8.77 31.31
B PBA G . -0.93 -0.14 -5.93
O1 PBA G . 0.09 -1.01 -5.56
O2 PBA G . -0.56 0.96 -5.17
CA PBA G . -2.47 -0.69 -5.62
CB PBA G . -3.21 -0.98 -6.93
CG PBA G . -4.49 -1.86 -6.66
CD1 PBA G . -4.96 -2.09 -5.35
CD2 PBA G . -5.20 -2.34 -7.80
CE1 PBA G . -6.11 -2.85 -5.17
CE2 PBA G . -6.40 -3.06 -7.59
CZ PBA G . -6.81 -3.33 -6.26
B PBA H . -3.72 1.74 3.50
O1 PBA H . -3.50 0.41 4.13
O2 PBA H . -4.37 1.89 2.16
CA PBA H . -3.26 2.90 4.38
CB PBA H . -4.44 3.48 5.18
CG PBA H . -5.26 4.34 4.25
CD1 PBA H . -5.33 3.98 2.87
CD2 PBA H . -5.90 5.50 4.65
CE1 PBA H . -5.97 4.81 1.96
CE2 PBA H . -6.56 6.33 3.77
CZ PBA H . -6.59 6.01 2.39
#